data_6WNU
#
_entry.id   6WNU
#
_cell.length_a   67.770
_cell.length_b   67.770
_cell.length_c   105.100
_cell.angle_alpha   90.000
_cell.angle_beta   90.000
_cell.angle_gamma   120.000
#
_symmetry.space_group_name_H-M   'P 31'
#
loop_
_entity.id
_entity.type
_entity.pdbx_description
1 polymer 'Cyclomaltodextrin glucanotransferase'
2 non-polymer 'CALCIUM ION'
3 non-polymer 'ACETATE ION'
4 non-polymer DI(HYDROXYETHYL)ETHER
5 water water
#
_entity_poly.entity_id   1
_entity_poly.type   'polypeptide(L)'
_entity_poly.pdbx_seq_one_letter_code
;MRKNFKAFVALFAAILLFFSGCSSKQEAKAPKSEVIYQVMVDRFYNGDPSNDDPEVSKGMFDPTHTNWRMYWGGDLKGLT
EKIPYIKGMGVTAIWISPVVDNINKPAVYNGEINAPYHGYWARDFKRVEEHFGTWEDFDNFVKVAHENGIKVILDFAPNH
TSPADEENPDFAENGALYDDGKLLGTYSNDSLKLFHHNGSISNWNNLKELQDKNLFDLADLDQSNPIVDKYLKDSIKLWF
NHEIDGVRLDAAKHMPMEWVKSFANTIYSIKKDVLLFGEWMLSGPTDPLYGYNIQFANTTGFSVLDFMLNGAIRDVFGKG
YGFERLNDTLEDTNKDYENPYKLVTFIDNHDMPRFLSLNNDKDKLHEAIAFIMTTRGIPVIYYGTEQYLHNDTNGGNDPY
NRPMMEKFDESTKAYTLIKELSRLRQLTPALQYGTTTARYVSDDVYIYERQYGKDVVLVAINKGEKTTVKTVKTSLRKGI
YKDYLKGLLKGVELKVTKGNGENLVQDLTLPGNSVSVWTNVRVKAAALEHHHHHH
;
_entity_poly.pdbx_strand_id   A
#
# COMPACT_ATOMS: atom_id res chain seq x y z
N ALA A 30 -12.73 4.26 -21.04
CA ALA A 30 -11.30 4.55 -20.83
C ALA A 30 -11.06 4.98 -19.38
N PRO A 31 -10.88 4.00 -18.50
CA PRO A 31 -10.86 4.30 -17.06
C PRO A 31 -9.56 5.00 -16.64
N LYS A 32 -9.61 5.64 -15.49
CA LYS A 32 -8.45 6.40 -15.02
C LYS A 32 -7.43 5.47 -14.37
N SER A 33 -6.15 5.77 -14.59
CA SER A 33 -5.05 5.02 -14.01
C SER A 33 -4.57 5.73 -12.76
N GLU A 34 -4.16 4.96 -11.75
CA GLU A 34 -3.83 5.53 -10.45
C GLU A 34 -2.43 5.12 -10.02
N VAL A 35 -1.84 5.96 -9.17
CA VAL A 35 -0.53 5.73 -8.55
C VAL A 35 -0.67 6.17 -7.10
N ILE A 36 -0.38 5.27 -6.16
CA ILE A 36 -0.65 5.49 -4.74
C ILE A 36 0.65 5.74 -4.00
N TYR A 37 0.65 6.71 -3.09
CA TYR A 37 1.73 6.96 -2.17
C TYR A 37 1.21 6.64 -0.77
N GLN A 38 1.85 5.68 -0.09
CA GLN A 38 1.43 5.26 1.24
C GLN A 38 2.22 6.05 2.29
N VAL A 39 1.52 6.80 3.13
CA VAL A 39 2.16 7.63 4.15
C VAL A 39 1.79 7.11 5.53
N MET A 40 2.79 6.89 6.39
CA MET A 40 2.54 6.71 7.82
C MET A 40 2.68 8.06 8.51
N VAL A 41 1.56 8.61 8.97
CA VAL A 41 1.47 10.04 9.24
C VAL A 41 2.48 10.48 10.28
N ASP A 42 2.63 9.71 11.37
CA ASP A 42 3.52 10.09 12.48
C ASP A 42 4.97 10.14 12.05
N ARG A 43 5.32 9.43 10.98
CA ARG A 43 6.71 9.30 10.55
C ARG A 43 7.00 10.07 9.27
N PHE A 44 6.05 10.84 8.76
CA PHE A 44 6.27 11.55 7.49
C PHE A 44 6.80 12.95 7.74
N TYR A 45 6.00 13.85 8.30
CA TYR A 45 6.48 15.22 8.48
C TYR A 45 5.78 15.93 9.63
N ASN A 46 6.56 16.42 10.59
CA ASN A 46 6.03 17.14 11.74
C ASN A 46 5.83 18.60 11.35
N GLY A 47 4.60 18.97 11.01
CA GLY A 47 4.29 20.34 10.67
C GLY A 47 3.94 21.24 11.83
N ASP A 48 3.60 20.66 12.98
CA ASP A 48 2.99 21.42 14.09
C ASP A 48 3.51 20.87 15.41
N PRO A 49 4.42 21.58 16.06
CA PRO A 49 4.93 21.09 17.35
C PRO A 49 3.88 21.08 18.44
N SER A 50 2.77 21.82 18.29
CA SER A 50 1.83 21.96 19.40
C SER A 50 0.97 20.73 19.63
N ASN A 51 0.92 19.81 18.68
CA ASN A 51 0.20 18.55 18.86
C ASN A 51 1.14 17.37 19.06
N ASP A 52 2.42 17.64 19.34
CA ASP A 52 3.37 16.56 19.55
C ASP A 52 3.07 15.78 20.83
N ASP A 53 2.72 16.49 21.90
CA ASP A 53 2.55 15.87 23.22
C ASP A 53 1.29 16.42 23.87
N PRO A 54 0.12 16.09 23.34
CA PRO A 54 -1.12 16.72 23.80
C PRO A 54 -1.45 16.32 25.23
N GLU A 55 -2.09 17.26 25.93
CA GLU A 55 -2.44 17.08 27.33
C GLU A 55 -3.21 15.78 27.53
N VAL A 56 -4.20 15.53 26.67
CA VAL A 56 -5.12 14.41 26.84
C VAL A 56 -4.42 13.07 26.73
N SER A 57 -3.23 13.03 26.12
CA SER A 57 -2.53 11.78 25.86
C SER A 57 -1.03 12.00 25.99
N LYS A 58 -0.61 12.60 27.09
CA LYS A 58 0.81 13.00 27.27
C LYS A 58 1.70 11.81 27.63
N GLY A 59 3.01 11.97 27.42
CA GLY A 59 3.98 10.98 27.80
C GLY A 59 4.33 9.98 26.72
N MET A 60 3.81 10.16 25.50
CA MET A 60 4.00 9.19 24.43
C MET A 60 4.79 9.77 23.24
N PHE A 61 5.50 10.87 23.45
CA PHE A 61 6.21 11.56 22.37
C PHE A 61 7.70 11.53 22.67
N ASP A 62 8.49 11.11 21.68
CA ASP A 62 9.94 11.17 21.73
C ASP A 62 10.45 12.16 20.70
N PRO A 63 10.85 13.37 21.11
CA PRO A 63 11.41 14.33 20.14
C PRO A 63 12.73 13.86 19.55
N THR A 64 13.45 12.95 20.22
CA THR A 64 14.76 12.52 19.75
C THR A 64 14.67 11.48 18.64
N HIS A 65 13.50 10.86 18.46
CA HIS A 65 13.32 9.80 17.47
C HIS A 65 14.31 8.66 17.69
N THR A 66 14.50 8.28 18.96
CA THR A 66 15.32 7.13 19.31
C THR A 66 14.57 6.04 20.07
N ASN A 67 13.35 6.32 20.55
CA ASN A 67 12.44 5.28 21.05
C ASN A 67 11.44 5.03 19.93
N TRP A 68 11.62 3.91 19.22
CA TRP A 68 10.94 3.68 17.97
C TRP A 68 9.48 3.29 18.12
N ARG A 69 8.96 3.18 19.35
CA ARG A 69 7.56 2.86 19.54
C ARG A 69 6.79 4.01 20.15
N MET A 70 7.37 5.22 20.12
CA MET A 70 6.71 6.45 20.55
C MET A 70 6.23 7.23 19.33
N TYR A 71 5.26 8.10 19.56
CA TYR A 71 4.98 9.10 18.53
C TYR A 71 6.23 9.94 18.30
N TRP A 72 6.51 10.27 17.04
CA TRP A 72 7.64 11.09 16.68
C TRP A 72 7.24 12.48 16.21
N GLY A 73 5.94 12.78 16.07
CA GLY A 73 5.47 14.13 15.81
C GLY A 73 4.88 14.38 14.43
N GLY A 74 5.00 13.45 13.47
CA GLY A 74 4.40 13.68 12.16
C GLY A 74 2.90 13.86 12.24
N ASP A 75 2.35 14.73 11.40
CA ASP A 75 0.97 15.15 11.59
C ASP A 75 0.35 15.61 10.27
N LEU A 76 -0.94 15.96 10.34
CA LEU A 76 -1.68 16.30 9.12
C LEU A 76 -1.22 17.63 8.53
N LYS A 77 -0.91 18.61 9.39
CA LYS A 77 -0.36 19.86 8.88
C LYS A 77 0.89 19.59 8.05
N GLY A 78 1.79 18.74 8.55
CA GLY A 78 3.02 18.47 7.82
C GLY A 78 2.76 17.74 6.51
N LEU A 79 1.93 16.71 6.54
CA LEU A 79 1.55 16.02 5.31
C LEU A 79 1.00 17.01 4.28
N THR A 80 0.19 17.97 4.75
CA THR A 80 -0.39 18.95 3.84
C THR A 80 0.70 19.79 3.18
N GLU A 81 1.67 20.27 3.97
CA GLU A 81 2.77 21.06 3.41
C GLU A 81 3.58 20.29 2.36
N LYS A 82 3.57 18.96 2.40
CA LYS A 82 4.38 18.17 1.49
C LYS A 82 3.60 17.65 0.29
N ILE A 83 2.34 18.05 0.13
CA ILE A 83 1.57 17.60 -1.03
C ILE A 83 2.23 18.00 -2.34
N PRO A 84 2.84 19.20 -2.48
CA PRO A 84 3.56 19.48 -3.74
C PRO A 84 4.68 18.51 -4.02
N TYR A 85 5.47 18.14 -2.99
CA TYR A 85 6.49 17.10 -3.14
C TYR A 85 5.87 15.80 -3.63
N ILE A 86 4.75 15.39 -3.02
CA ILE A 86 4.09 14.16 -3.44
C ILE A 86 3.55 14.28 -4.85
N LYS A 87 2.91 15.42 -5.14
CA LYS A 87 2.36 15.61 -6.48
C LYS A 87 3.47 15.67 -7.53
N GLY A 88 4.65 16.17 -7.19
CA GLY A 88 5.75 16.19 -8.15
C GLY A 88 6.21 14.81 -8.59
N MET A 89 5.81 13.77 -7.86
CA MET A 89 6.12 12.38 -8.18
C MET A 89 5.06 11.75 -9.07
N GLY A 90 4.06 12.50 -9.51
CA GLY A 90 3.02 11.90 -10.33
C GLY A 90 2.02 11.06 -9.56
N VAL A 91 2.03 11.12 -8.24
CA VAL A 91 1.06 10.39 -7.42
C VAL A 91 -0.35 10.89 -7.67
N THR A 92 -1.32 9.96 -7.77
CA THR A 92 -2.71 10.35 -7.97
C THR A 92 -3.58 10.10 -6.75
N ALA A 93 -3.07 9.41 -5.74
CA ALA A 93 -3.87 9.08 -4.57
C ALA A 93 -2.92 8.85 -3.40
N ILE A 94 -3.29 9.36 -2.24
CA ILE A 94 -2.49 9.19 -1.03
C ILE A 94 -3.24 8.23 -0.10
N TRP A 95 -2.62 7.09 0.17
CA TRP A 95 -3.07 6.17 1.20
C TRP A 95 -2.45 6.67 2.50
N ILE A 96 -3.31 7.15 3.40
N ILE A 96 -3.29 7.24 3.37
CA ILE A 96 -2.91 7.71 4.67
CA ILE A 96 -2.84 7.71 4.68
C ILE A 96 -3.19 6.67 5.74
C ILE A 96 -3.14 6.61 5.69
N SER A 97 -2.20 6.41 6.61
CA SER A 97 -2.41 5.47 7.70
C SER A 97 -3.54 6.00 8.58
N PRO A 98 -4.11 5.18 9.46
CA PRO A 98 -5.39 5.54 10.10
C PRO A 98 -5.26 6.79 10.97
N VAL A 99 -6.16 7.73 10.78
CA VAL A 99 -6.14 8.99 11.51
C VAL A 99 -7.33 9.13 12.46
N VAL A 100 -8.09 8.05 12.70
CA VAL A 100 -9.07 8.07 13.79
C VAL A 100 -8.35 8.09 15.13
N ASP A 101 -9.08 8.56 16.14
CA ASP A 101 -8.51 8.71 17.48
C ASP A 101 -8.05 7.37 18.02
N ASN A 102 -6.77 7.29 18.37
CA ASN A 102 -6.14 6.12 18.98
C ASN A 102 -5.98 6.32 20.48
N ILE A 103 -5.65 5.22 21.18
CA ILE A 103 -5.69 5.21 22.63
C ILE A 103 -4.83 6.32 23.22
N ASN A 104 -5.26 6.83 24.37
CA ASN A 104 -4.64 7.99 24.99
C ASN A 104 -3.69 7.62 26.12
N LYS A 105 -3.62 6.34 26.48
CA LYS A 105 -2.62 5.71 27.33
C LYS A 105 -1.85 4.69 26.49
N PRO A 106 -0.57 4.49 26.73
CA PRO A 106 0.16 3.49 25.95
C PRO A 106 -0.17 2.08 26.42
N ALA A 107 0.11 1.13 25.53
CA ALA A 107 0.23 -0.27 25.92
C ALA A 107 1.65 -0.48 26.40
N VAL A 108 1.79 -0.88 27.67
CA VAL A 108 3.10 -1.12 28.28
C VAL A 108 3.31 -2.63 28.37
N TYR A 109 4.35 -3.11 27.68
CA TYR A 109 4.79 -4.50 27.78
C TYR A 109 6.18 -4.51 28.41
N ASN A 110 6.33 -5.23 29.52
CA ASN A 110 7.61 -5.32 30.23
C ASN A 110 8.23 -3.94 30.46
N GLY A 111 7.40 -3.00 30.88
CA GLY A 111 7.90 -1.65 31.08
C GLY A 111 8.26 -0.91 29.81
N GLU A 112 8.00 -1.49 28.64
CA GLU A 112 8.28 -0.84 27.36
C GLU A 112 7.04 -0.08 26.89
N ILE A 113 7.14 1.24 26.83
CA ILE A 113 6.03 2.08 26.37
C ILE A 113 5.80 1.87 24.87
N ASN A 114 4.62 1.36 24.52
CA ASN A 114 4.22 1.22 23.12
C ASN A 114 3.12 2.25 22.84
N ALA A 115 3.44 3.25 22.03
CA ALA A 115 2.37 4.19 21.70
C ALA A 115 1.67 3.77 20.42
N PRO A 116 0.40 4.13 20.25
CA PRO A 116 -0.29 3.81 19.00
C PRO A 116 0.10 4.76 17.86
N TYR A 117 1.42 4.98 17.70
CA TYR A 117 1.88 5.99 16.76
C TYR A 117 1.49 5.64 15.33
N HIS A 118 1.21 4.37 15.06
CA HIS A 118 0.88 3.89 13.73
C HIS A 118 -0.60 4.06 13.38
N GLY A 119 -1.46 4.25 14.38
CA GLY A 119 -2.85 4.48 14.07
C GLY A 119 -3.76 3.26 14.08
N TYR A 120 -3.24 2.06 14.32
CA TYR A 120 -4.07 0.87 14.21
C TYR A 120 -4.74 0.48 15.53
N TRP A 121 -4.63 1.30 16.56
CA TRP A 121 -5.22 0.99 17.86
C TRP A 121 -6.28 2.06 18.18
N ALA A 122 -7.41 1.97 17.50
CA ALA A 122 -8.47 2.96 17.63
C ALA A 122 -9.10 2.95 19.02
N ARG A 123 -9.38 4.15 19.55
CA ARG A 123 -10.33 4.32 20.65
C ARG A 123 -11.66 4.92 20.22
N ASP A 124 -11.71 5.68 19.12
CA ASP A 124 -12.91 6.42 18.75
C ASP A 124 -12.87 6.62 17.25
N PHE A 125 -13.74 5.93 16.51
CA PHE A 125 -13.72 6.01 15.06
C PHE A 125 -14.38 7.27 14.53
N LYS A 126 -15.00 8.08 15.40
CA LYS A 126 -15.68 9.30 14.99
C LYS A 126 -14.83 10.56 15.18
N ARG A 127 -13.60 10.43 15.69
CA ARG A 127 -12.79 11.61 15.98
C ARG A 127 -11.43 11.48 15.32
N VAL A 128 -10.80 12.63 15.03
CA VAL A 128 -9.43 12.65 14.50
C VAL A 128 -8.45 12.50 15.66
N GLU A 129 -7.37 11.78 15.41
CA GLU A 129 -6.30 11.64 16.39
C GLU A 129 -5.68 13.01 16.69
N GLU A 130 -5.64 13.37 17.97
CA GLU A 130 -5.18 14.70 18.37
C GLU A 130 -3.67 14.90 18.18
N HIS A 131 -2.87 13.83 18.20
CA HIS A 131 -1.46 13.99 17.79
C HIS A 131 -1.35 14.44 16.35
N PHE A 132 -2.31 14.10 15.50
CA PHE A 132 -2.24 14.38 14.07
C PHE A 132 -2.94 15.66 13.67
N GLY A 133 -3.98 16.07 14.39
CA GLY A 133 -4.64 17.33 14.08
C GLY A 133 -6.09 17.31 14.54
N THR A 134 -6.81 18.34 14.10
CA THR A 134 -8.24 18.46 14.32
C THR A 134 -8.99 18.14 13.04
N TRP A 135 -10.32 18.14 13.14
CA TRP A 135 -11.14 18.03 11.94
C TRP A 135 -10.78 19.12 10.93
N GLU A 136 -10.47 20.32 11.42
CA GLU A 136 -10.06 21.40 10.52
C GLU A 136 -8.75 21.07 9.81
N ASP A 137 -7.76 20.54 10.54
CA ASP A 137 -6.52 20.15 9.87
C ASP A 137 -6.78 19.05 8.85
N PHE A 138 -7.65 18.10 9.18
CA PHE A 138 -7.94 17.03 8.22
C PHE A 138 -8.67 17.57 7.00
N ASP A 139 -9.66 18.43 7.21
CA ASP A 139 -10.38 18.98 6.07
C ASP A 139 -9.46 19.80 5.19
N ASN A 140 -8.49 20.52 5.77
N ASN A 140 -8.50 20.52 5.79
CA ASN A 140 -7.56 21.25 4.92
CA ASN A 140 -7.51 21.27 5.02
C ASN A 140 -6.66 20.30 4.13
C ASN A 140 -6.63 20.33 4.19
N PHE A 141 -6.27 19.17 4.74
CA PHE A 141 -5.48 18.20 4.02
C PHE A 141 -6.25 17.65 2.81
N VAL A 142 -7.52 17.29 3.02
CA VAL A 142 -8.33 16.83 1.89
C VAL A 142 -8.44 17.92 0.84
N LYS A 143 -8.67 19.17 1.27
CA LYS A 143 -8.84 20.29 0.34
C LYS A 143 -7.61 20.45 -0.56
N VAL A 144 -6.42 20.53 0.05
CA VAL A 144 -5.19 20.73 -0.72
C VAL A 144 -4.90 19.52 -1.60
N ALA A 145 -5.15 18.31 -1.09
CA ALA A 145 -4.97 17.12 -1.91
C ALA A 145 -5.88 17.18 -3.13
N HIS A 146 -7.17 17.49 -2.91
CA HIS A 146 -8.12 17.61 -4.02
C HIS A 146 -7.75 18.77 -4.95
N GLU A 147 -7.19 19.85 -4.41
CA GLU A 147 -6.71 20.94 -5.26
C GLU A 147 -5.67 20.46 -6.25
N ASN A 148 -4.87 19.46 -5.87
CA ASN A 148 -3.78 18.98 -6.69
C ASN A 148 -4.16 17.73 -7.49
N GLY A 149 -5.45 17.42 -7.59
CA GLY A 149 -5.89 16.25 -8.33
C GLY A 149 -5.61 14.93 -7.64
N ILE A 150 -5.52 14.90 -6.31
CA ILE A 150 -5.04 13.75 -5.58
C ILE A 150 -6.14 13.19 -4.68
N LYS A 151 -6.46 11.90 -4.87
CA LYS A 151 -7.44 11.21 -4.05
C LYS A 151 -6.87 10.94 -2.66
N VAL A 152 -7.76 10.92 -1.68
CA VAL A 152 -7.39 10.59 -0.31
C VAL A 152 -8.00 9.22 0.00
N ILE A 153 -7.14 8.25 0.31
CA ILE A 153 -7.55 6.89 0.62
C ILE A 153 -7.27 6.64 2.10
N LEU A 154 -8.33 6.37 2.87
CA LEU A 154 -8.22 6.25 4.31
C LEU A 154 -7.99 4.79 4.69
N ASP A 155 -6.88 4.53 5.39
CA ASP A 155 -6.66 3.25 6.04
C ASP A 155 -7.63 3.13 7.21
N PHE A 156 -8.50 2.12 7.17
CA PHE A 156 -9.61 1.99 8.11
C PHE A 156 -9.54 0.59 8.71
N ALA A 157 -9.56 0.50 10.04
CA ALA A 157 -9.32 -0.75 10.74
C ALA A 157 -10.51 -1.12 11.62
N PRO A 158 -11.62 -1.55 11.02
CA PRO A 158 -12.81 -1.91 11.82
C PRO A 158 -12.77 -3.32 12.39
N ASN A 159 -11.63 -4.01 12.34
CA ASN A 159 -11.61 -5.31 12.96
C ASN A 159 -11.54 -5.23 14.49
N HIS A 160 -11.02 -4.13 15.03
CA HIS A 160 -10.65 -4.12 16.44
C HIS A 160 -10.46 -2.68 16.89
N THR A 161 -10.39 -2.52 18.22
CA THR A 161 -9.94 -1.28 18.83
C THR A 161 -8.45 -1.37 19.12
N SER A 162 -8.08 -1.85 20.30
CA SER A 162 -6.72 -1.66 20.78
C SER A 162 -6.34 -2.80 21.69
N PRO A 163 -5.07 -2.88 22.10
CA PRO A 163 -4.64 -4.00 22.96
C PRO A 163 -5.36 -4.02 24.30
N ALA A 164 -5.74 -5.22 24.74
CA ALA A 164 -6.53 -5.34 25.96
C ALA A 164 -6.18 -6.62 26.70
N ASP A 165 -6.38 -6.60 28.02
CA ASP A 165 -6.27 -7.76 28.88
C ASP A 165 -7.54 -7.79 29.72
N GLU A 166 -8.45 -8.73 29.42
CA GLU A 166 -9.72 -8.76 30.13
C GLU A 166 -9.52 -8.85 31.64
N GLU A 167 -8.43 -9.47 32.08
CA GLU A 167 -8.14 -9.64 33.49
C GLU A 167 -7.36 -8.46 34.09
N ASN A 168 -7.12 -7.40 33.32
CA ASN A 168 -6.38 -6.24 33.82
C ASN A 168 -6.85 -5.00 33.09
N PRO A 169 -7.90 -4.35 33.60
CA PRO A 169 -8.39 -3.13 32.92
C PRO A 169 -7.40 -1.97 32.93
N ASP A 170 -6.36 -2.01 33.76
CA ASP A 170 -5.40 -0.91 33.74
C ASP A 170 -4.36 -1.05 32.63
N PHE A 171 -4.36 -2.14 31.87
CA PHE A 171 -3.43 -2.29 30.74
C PHE A 171 -3.97 -1.49 29.56
N ALA A 172 -3.16 -0.55 29.05
CA ALA A 172 -3.52 0.29 27.90
C ALA A 172 -4.85 0.98 28.23
N GLU A 173 -5.79 1.04 27.29
CA GLU A 173 -7.13 1.51 27.61
C GLU A 173 -8.14 0.37 27.59
N ASN A 174 -7.69 -0.85 27.85
CA ASN A 174 -8.58 -2.01 27.99
C ASN A 174 -9.48 -2.12 26.76
N GLY A 175 -8.95 -1.74 25.60
CA GLY A 175 -9.68 -1.89 24.35
C GLY A 175 -10.93 -1.04 24.24
N ALA A 176 -11.02 0.03 25.03
CA ALA A 176 -12.23 0.87 25.08
C ALA A 176 -12.66 1.33 23.69
N LEU A 177 -13.98 1.30 23.45
CA LEU A 177 -14.58 1.89 22.27
C LEU A 177 -15.39 3.11 22.69
N TYR A 178 -15.17 4.24 22.00
CA TYR A 178 -15.89 5.48 22.21
C TYR A 178 -16.66 5.85 20.96
N ASP A 179 -17.78 6.53 21.15
CA ASP A 179 -18.62 7.04 20.07
C ASP A 179 -18.64 8.57 20.18
N ASP A 180 -17.72 9.22 19.48
CA ASP A 180 -17.61 10.68 19.49
C ASP A 180 -17.51 11.20 20.92
N GLY A 181 -16.69 10.53 21.72
CA GLY A 181 -16.47 10.91 23.09
C GLY A 181 -17.32 10.16 24.10
N LYS A 182 -18.34 9.44 23.63
CA LYS A 182 -19.22 8.66 24.49
C LYS A 182 -18.72 7.22 24.59
N LEU A 183 -18.37 6.79 25.79
CA LEU A 183 -17.87 5.46 26.04
C LEU A 183 -18.97 4.43 25.80
N LEU A 184 -18.71 3.48 24.89
CA LEU A 184 -19.66 2.40 24.63
C LEU A 184 -19.33 1.14 25.38
N GLY A 185 -18.10 0.96 25.82
CA GLY A 185 -17.71 -0.19 26.59
C GLY A 185 -16.22 -0.39 26.59
N THR A 186 -15.75 -1.19 27.54
CA THR A 186 -14.38 -1.65 27.62
C THR A 186 -14.39 -3.16 27.53
N TYR A 187 -13.19 -3.74 27.39
CA TYR A 187 -13.10 -5.19 27.22
C TYR A 187 -13.49 -5.91 28.50
N SER A 188 -13.09 -5.37 29.65
CA SER A 188 -13.35 -5.99 30.94
C SER A 188 -14.75 -5.71 31.46
N ASN A 189 -15.49 -4.78 30.85
CA ASN A 189 -16.85 -4.40 31.25
C ASN A 189 -17.65 -4.12 29.98
N ASP A 190 -18.03 -5.19 29.29
CA ASP A 190 -18.58 -5.08 27.93
C ASP A 190 -20.09 -5.30 27.97
N SER A 191 -20.78 -4.32 28.56
CA SER A 191 -22.22 -4.41 28.78
C SER A 191 -22.98 -4.60 27.47
N LEU A 192 -22.56 -3.88 26.43
CA LEU A 192 -23.29 -3.89 25.17
C LEU A 192 -22.90 -5.06 24.27
N LYS A 193 -22.07 -5.98 24.75
CA LYS A 193 -21.63 -7.13 23.94
C LYS A 193 -20.95 -6.65 22.66
N LEU A 194 -19.97 -5.77 22.81
CA LEU A 194 -19.32 -5.16 21.65
C LEU A 194 -18.26 -6.07 21.05
N PHE A 195 -17.58 -6.85 21.88
CA PHE A 195 -16.37 -7.56 21.48
C PHE A 195 -16.56 -9.08 21.58
N HIS A 196 -15.70 -9.79 20.83
CA HIS A 196 -15.56 -11.23 20.98
C HIS A 196 -14.69 -11.52 22.20
N HIS A 197 -15.17 -12.43 23.05
CA HIS A 197 -14.36 -12.83 24.20
C HIS A 197 -13.96 -14.31 24.06
N ASN A 198 -13.14 -14.60 23.04
CA ASN A 198 -12.81 -15.95 22.62
C ASN A 198 -11.32 -16.26 22.66
N GLY A 199 -10.53 -15.46 23.37
CA GLY A 199 -9.09 -15.66 23.35
C GLY A 199 -8.47 -15.11 22.08
N SER A 200 -7.18 -15.38 21.91
N SER A 200 -7.17 -15.37 21.92
CA SER A 200 -6.42 -14.87 20.79
CA SER A 200 -6.40 -14.88 20.78
C SER A 200 -6.20 -15.94 19.73
C SER A 200 -6.32 -15.95 19.69
N ILE A 201 -6.00 -15.49 18.48
CA ILE A 201 -5.85 -16.41 17.36
C ILE A 201 -4.68 -17.35 17.60
N SER A 202 -4.89 -18.64 17.35
CA SER A 202 -3.85 -19.65 17.52
C SER A 202 -3.70 -20.49 16.25
N ASN A 203 -4.80 -20.99 15.72
CA ASN A 203 -4.79 -21.73 14.46
C ASN A 203 -5.02 -20.74 13.34
N TRP A 204 -3.93 -20.24 12.76
CA TRP A 204 -3.98 -19.18 11.75
C TRP A 204 -4.49 -19.67 10.39
N ASN A 205 -4.66 -20.97 10.20
CA ASN A 205 -5.19 -21.49 8.95
C ASN A 205 -6.68 -21.79 9.02
N ASN A 206 -7.30 -21.56 10.17
CA ASN A 206 -8.73 -21.75 10.37
C ASN A 206 -9.43 -20.41 10.22
N LEU A 207 -10.34 -20.33 9.24
CA LEU A 207 -11.00 -19.06 8.93
C LEU A 207 -11.78 -18.54 10.14
N LYS A 208 -12.66 -19.37 10.70
CA LYS A 208 -13.52 -18.94 11.81
C LYS A 208 -12.68 -18.46 12.98
N GLU A 209 -11.55 -19.13 13.24
CA GLU A 209 -10.66 -18.65 14.29
C GLU A 209 -10.04 -17.30 13.92
N LEU A 210 -9.72 -17.10 12.63
CA LEU A 210 -9.17 -15.83 12.19
C LEU A 210 -10.17 -14.69 12.34
N GLN A 211 -11.47 -15.00 12.25
CA GLN A 211 -12.49 -13.98 12.29
C GLN A 211 -13.03 -13.71 13.69
N ASP A 212 -13.08 -14.73 14.55
CA ASP A 212 -13.79 -14.64 15.81
C ASP A 212 -12.88 -14.49 17.03
N LYS A 213 -11.58 -14.71 16.88
CA LYS A 213 -10.67 -14.52 17.99
C LYS A 213 -9.91 -13.20 17.85
N ASN A 214 -9.16 -12.85 18.89
CA ASN A 214 -8.40 -11.61 18.89
C ASN A 214 -7.17 -11.72 18.00
N LEU A 215 -6.94 -10.70 17.18
CA LEU A 215 -5.66 -10.56 16.47
C LEU A 215 -4.62 -10.11 17.49
N PHE A 216 -3.75 -11.04 17.91
CA PHE A 216 -2.79 -10.79 18.99
C PHE A 216 -3.58 -10.45 20.26
N ASP A 217 -3.38 -9.29 20.88
CA ASP A 217 -4.17 -8.90 22.04
C ASP A 217 -5.17 -7.77 21.72
N LEU A 218 -5.54 -7.63 20.45
CA LEU A 218 -6.40 -6.52 20.03
C LEU A 218 -7.86 -6.90 20.26
N ALA A 219 -8.56 -6.10 21.05
CA ALA A 219 -9.96 -6.39 21.35
C ALA A 219 -10.78 -6.45 20.07
N ASP A 220 -11.37 -7.61 19.79
CA ASP A 220 -11.95 -7.90 18.49
C ASP A 220 -13.42 -7.50 18.46
N LEU A 221 -13.78 -6.63 17.51
CA LEU A 221 -15.15 -6.14 17.44
C LEU A 221 -16.07 -7.20 16.84
N ASP A 222 -17.30 -7.26 17.34
CA ASP A 222 -18.29 -8.23 16.84
C ASP A 222 -19.24 -7.49 15.91
N GLN A 223 -18.88 -7.47 14.62
CA GLN A 223 -19.71 -6.82 13.61
C GLN A 223 -21.10 -7.46 13.51
N SER A 224 -21.30 -8.66 14.07
CA SER A 224 -22.64 -9.25 14.06
C SER A 224 -23.57 -8.56 15.05
N ASN A 225 -23.01 -7.93 16.07
CA ASN A 225 -23.79 -7.10 16.97
C ASN A 225 -24.32 -5.90 16.22
N PRO A 226 -25.64 -5.69 16.16
CA PRO A 226 -26.18 -4.55 15.39
C PRO A 226 -25.66 -3.22 15.89
N ILE A 227 -25.31 -3.13 17.17
CA ILE A 227 -24.68 -1.92 17.69
C ILE A 227 -23.37 -1.65 16.96
N VAL A 228 -22.48 -2.66 16.96
CA VAL A 228 -21.18 -2.51 16.29
C VAL A 228 -21.37 -2.27 14.81
N ASP A 229 -22.29 -3.02 14.18
CA ASP A 229 -22.55 -2.86 12.75
C ASP A 229 -22.92 -1.43 12.40
N LYS A 230 -23.89 -0.86 13.12
CA LYS A 230 -24.32 0.49 12.81
C LYS A 230 -23.25 1.51 13.18
N TYR A 231 -22.45 1.22 14.21
CA TYR A 231 -21.38 2.14 14.61
C TYR A 231 -20.31 2.23 13.53
N LEU A 232 -19.82 1.09 13.06
CA LEU A 232 -18.77 1.08 12.03
C LEU A 232 -19.28 1.72 10.74
N LYS A 233 -20.55 1.47 10.39
CA LYS A 233 -21.08 2.03 9.15
C LYS A 233 -21.37 3.52 9.30
N ASP A 234 -21.82 3.97 10.46
CA ASP A 234 -21.93 5.41 10.70
C ASP A 234 -20.57 6.09 10.67
N SER A 235 -19.55 5.41 11.20
CA SER A 235 -18.22 6.01 11.20
C SER A 235 -17.72 6.24 9.77
N ILE A 236 -17.81 5.22 8.91
CA ILE A 236 -17.27 5.40 7.57
C ILE A 236 -18.11 6.43 6.80
N LYS A 237 -19.39 6.57 7.12
CA LYS A 237 -20.19 7.63 6.50
C LYS A 237 -19.68 9.00 6.89
N LEU A 238 -19.29 9.16 8.16
CA LEU A 238 -18.74 10.43 8.62
C LEU A 238 -17.49 10.79 7.82
N TRP A 239 -16.57 9.83 7.68
CA TRP A 239 -15.32 10.14 6.99
C TRP A 239 -15.58 10.49 5.54
N PHE A 240 -16.53 9.81 4.89
CA PHE A 240 -16.84 10.20 3.53
C PHE A 240 -17.56 11.56 3.47
N ASN A 241 -18.29 11.94 4.53
CA ASN A 241 -18.81 13.31 4.57
C ASN A 241 -17.71 14.35 4.64
N HIS A 242 -16.49 13.94 5.03
CA HIS A 242 -15.33 14.81 4.92
C HIS A 242 -14.53 14.54 3.64
N GLU A 243 -15.15 13.91 2.64
CA GLU A 243 -14.69 13.92 1.25
C GLU A 243 -13.50 12.99 0.99
N ILE A 244 -13.34 11.92 1.77
CA ILE A 244 -12.33 10.93 1.37
C ILE A 244 -12.81 10.18 0.12
N ASP A 245 -11.87 9.51 -0.53
CA ASP A 245 -12.11 8.92 -1.84
C ASP A 245 -11.96 7.42 -1.87
N GLY A 246 -11.71 6.79 -0.73
CA GLY A 246 -11.49 5.36 -0.75
C GLY A 246 -11.05 4.87 0.61
N VAL A 247 -10.92 3.55 0.67
CA VAL A 247 -10.62 2.83 1.91
C VAL A 247 -9.61 1.75 1.59
N ARG A 248 -8.51 1.74 2.32
CA ARG A 248 -7.66 0.57 2.44
C ARG A 248 -8.12 -0.13 3.70
N LEU A 249 -8.62 -1.35 3.55
CA LEU A 249 -9.28 -2.05 4.63
C LEU A 249 -8.27 -2.93 5.37
N ASP A 250 -7.95 -2.54 6.60
CA ASP A 250 -6.99 -3.24 7.44
C ASP A 250 -7.52 -4.60 7.88
N ALA A 251 -6.61 -5.57 7.99
CA ALA A 251 -6.89 -6.91 8.51
C ALA A 251 -8.14 -7.53 7.90
N ALA A 252 -8.24 -7.44 6.57
CA ALA A 252 -9.45 -7.88 5.88
C ALA A 252 -9.75 -9.38 6.07
N LYS A 253 -8.76 -10.21 6.38
CA LYS A 253 -9.05 -11.63 6.55
C LYS A 253 -9.61 -11.94 7.93
N HIS A 254 -9.62 -10.98 8.83
CA HIS A 254 -10.03 -11.22 10.21
C HIS A 254 -11.48 -10.86 10.48
N MET A 255 -12.21 -10.48 9.45
CA MET A 255 -13.62 -10.19 9.55
C MET A 255 -14.40 -11.12 8.63
N PRO A 256 -15.66 -11.40 8.94
CA PRO A 256 -16.47 -12.27 8.06
C PRO A 256 -16.66 -11.62 6.70
N MET A 257 -16.46 -12.41 5.64
CA MET A 257 -16.46 -11.86 4.30
C MET A 257 -17.80 -11.22 3.94
N GLU A 258 -18.91 -11.77 4.44
CA GLU A 258 -20.22 -11.21 4.10
C GLU A 258 -20.42 -9.84 4.77
N TRP A 259 -19.92 -9.66 5.99
CA TRP A 259 -20.01 -8.33 6.58
C TRP A 259 -19.15 -7.35 5.79
N VAL A 260 -17.92 -7.75 5.43
CA VAL A 260 -17.09 -6.84 4.63
C VAL A 260 -17.80 -6.47 3.33
N LYS A 261 -18.56 -7.41 2.77
CA LYS A 261 -19.35 -7.13 1.54
C LYS A 261 -20.41 -6.07 1.87
N SER A 262 -21.16 -6.22 2.97
CA SER A 262 -22.15 -5.21 3.34
C SER A 262 -21.49 -3.88 3.60
N PHE A 263 -20.29 -3.89 4.21
CA PHE A 263 -19.57 -2.65 4.46
C PHE A 263 -19.28 -1.92 3.15
N ALA A 264 -18.81 -2.65 2.13
CA ALA A 264 -18.55 -2.00 0.85
C ALA A 264 -19.83 -1.47 0.23
N ASN A 265 -20.93 -2.22 0.36
CA ASN A 265 -22.22 -1.75 -0.13
C ASN A 265 -22.59 -0.41 0.51
N THR A 266 -22.38 -0.29 1.82
CA THR A 266 -22.60 1.00 2.48
C THR A 266 -21.81 2.11 1.78
N ILE A 267 -20.52 1.89 1.55
CA ILE A 267 -19.69 2.94 0.95
C ILE A 267 -20.14 3.22 -0.48
N TYR A 268 -20.44 2.17 -1.24
CA TYR A 268 -20.94 2.40 -2.60
C TYR A 268 -22.27 3.15 -2.59
N SER A 269 -23.09 2.91 -1.57
CA SER A 269 -24.36 3.61 -1.45
C SER A 269 -24.19 5.12 -1.37
N ILE A 270 -23.04 5.60 -0.90
CA ILE A 270 -22.86 7.03 -0.65
C ILE A 270 -21.93 7.70 -1.63
N LYS A 271 -21.13 6.94 -2.38
CA LYS A 271 -20.25 7.56 -3.36
C LYS A 271 -19.98 6.63 -4.52
N LYS A 272 -20.00 7.20 -5.73
CA LYS A 272 -19.93 6.42 -6.97
C LYS A 272 -18.55 5.83 -7.19
N ASP A 273 -17.55 6.68 -7.42
CA ASP A 273 -16.21 6.25 -7.80
C ASP A 273 -15.32 6.28 -6.55
N VAL A 274 -15.21 5.14 -5.89
CA VAL A 274 -14.42 4.99 -4.69
C VAL A 274 -13.37 3.92 -4.94
N LEU A 275 -12.17 4.14 -4.42
CA LEU A 275 -11.10 3.14 -4.49
C LEU A 275 -11.15 2.29 -3.22
N LEU A 276 -11.53 1.02 -3.35
CA LEU A 276 -11.63 0.13 -2.21
C LEU A 276 -10.69 -1.05 -2.39
N PHE A 277 -9.76 -1.22 -1.46
CA PHE A 277 -8.95 -2.43 -1.48
C PHE A 277 -8.64 -2.86 -0.06
N GLY A 278 -8.50 -4.16 0.12
CA GLY A 278 -8.23 -4.76 1.41
C GLY A 278 -6.81 -5.29 1.55
N GLU A 279 -6.28 -5.20 2.76
CA GLU A 279 -5.10 -5.96 3.17
C GLU A 279 -5.56 -7.35 3.58
N TRP A 280 -5.45 -8.31 2.66
CA TRP A 280 -5.65 -9.73 2.99
C TRP A 280 -4.27 -10.39 2.96
N MET A 281 -3.68 -10.59 4.12
CA MET A 281 -2.28 -10.97 4.13
C MET A 281 -2.10 -12.44 3.74
N LEU A 282 -1.12 -12.68 2.88
CA LEU A 282 -0.70 -14.02 2.48
C LEU A 282 0.73 -14.23 2.92
N SER A 283 1.05 -15.46 3.34
CA SER A 283 2.36 -15.76 3.90
C SER A 283 3.38 -16.14 2.86
N GLY A 284 2.93 -16.52 1.66
CA GLY A 284 3.80 -16.96 0.58
C GLY A 284 3.01 -17.70 -0.50
N PRO A 285 3.71 -18.26 -1.49
CA PRO A 285 3.01 -18.85 -2.66
C PRO A 285 2.11 -20.03 -2.31
N THR A 286 2.41 -20.78 -1.26
CA THR A 286 1.62 -21.95 -0.90
C THR A 286 0.67 -21.68 0.26
N ASP A 287 0.38 -20.41 0.55
CA ASP A 287 -0.53 -20.04 1.61
C ASP A 287 -1.87 -20.74 1.43
N PRO A 288 -2.29 -21.58 2.38
CA PRO A 288 -3.52 -22.39 2.18
C PRO A 288 -4.78 -21.58 1.93
N LEU A 289 -4.81 -20.31 2.35
CA LEU A 289 -6.03 -19.50 2.31
C LEU A 289 -6.14 -18.64 1.06
N TYR A 290 -5.18 -18.75 0.14
CA TYR A 290 -5.18 -17.95 -1.08
C TYR A 290 -6.52 -18.01 -1.81
N GLY A 291 -7.24 -19.13 -1.73
CA GLY A 291 -8.53 -19.22 -2.39
C GLY A 291 -9.58 -18.29 -1.81
N TYR A 292 -9.51 -18.02 -0.50
CA TYR A 292 -10.45 -17.09 0.13
C TYR A 292 -10.10 -15.64 -0.20
N ASN A 293 -8.80 -15.35 -0.30
CA ASN A 293 -8.33 -14.06 -0.80
C ASN A 293 -8.92 -13.77 -2.18
N ILE A 294 -8.77 -14.72 -3.11
CA ILE A 294 -9.35 -14.57 -4.44
C ILE A 294 -10.85 -14.36 -4.33
N GLN A 295 -11.51 -15.21 -3.54
CA GLN A 295 -12.95 -15.06 -3.34
C GLN A 295 -13.28 -13.69 -2.76
N PHE A 296 -12.50 -13.23 -1.78
CA PHE A 296 -12.70 -11.89 -1.22
C PHE A 296 -12.65 -10.82 -2.31
N ALA A 297 -11.57 -10.83 -3.12
CA ALA A 297 -11.38 -9.78 -4.14
C ALA A 297 -12.44 -9.85 -5.23
N ASN A 298 -12.94 -11.06 -5.54
CA ASN A 298 -13.92 -11.20 -6.60
C ASN A 298 -15.31 -10.73 -6.20
N THR A 299 -15.68 -10.87 -4.93
CA THR A 299 -17.07 -10.68 -4.55
C THR A 299 -17.36 -9.53 -3.58
N THR A 300 -16.43 -9.17 -2.68
CA THR A 300 -16.81 -8.23 -1.62
C THR A 300 -17.05 -6.82 -2.15
N GLY A 301 -16.41 -6.46 -3.26
CA GLY A 301 -16.37 -5.08 -3.68
C GLY A 301 -15.08 -4.37 -3.27
N PHE A 302 -14.30 -4.97 -2.40
CA PHE A 302 -12.92 -4.56 -2.17
C PHE A 302 -12.02 -5.41 -3.06
N SER A 303 -11.05 -4.76 -3.71
CA SER A 303 -9.96 -5.52 -4.30
C SER A 303 -8.96 -5.82 -3.19
N VAL A 304 -7.78 -6.39 -3.52
CA VAL A 304 -6.78 -6.71 -2.51
C VAL A 304 -5.43 -6.09 -2.86
N LEU A 305 -4.64 -5.83 -1.82
CA LEU A 305 -3.20 -5.69 -2.03
C LEU A 305 -2.63 -7.01 -2.51
N ASP A 306 -1.68 -6.93 -3.44
CA ASP A 306 -1.25 -8.10 -4.24
C ASP A 306 -0.03 -8.73 -3.58
N PHE A 307 -0.29 -9.62 -2.60
CA PHE A 307 0.82 -10.21 -1.87
C PHE A 307 1.54 -11.26 -2.69
N MET A 308 0.83 -12.00 -3.55
CA MET A 308 1.50 -13.01 -4.37
C MET A 308 2.53 -12.36 -5.28
N LEU A 309 2.14 -11.30 -5.98
CA LEU A 309 3.10 -10.59 -6.83
C LEU A 309 4.22 -9.99 -5.98
N ASN A 310 3.88 -9.45 -4.80
CA ASN A 310 4.89 -8.87 -3.93
C ASN A 310 5.98 -9.87 -3.58
N GLY A 311 5.60 -11.09 -3.21
CA GLY A 311 6.62 -12.07 -2.83
C GLY A 311 7.52 -12.41 -4.01
N ALA A 312 6.93 -12.49 -5.21
CA ALA A 312 7.71 -12.76 -6.41
C ALA A 312 8.66 -11.63 -6.72
N ILE A 313 8.20 -10.38 -6.55
CA ILE A 313 9.06 -9.22 -6.73
C ILE A 313 10.25 -9.28 -5.79
N ARG A 314 10.00 -9.53 -4.51
CA ARG A 314 11.09 -9.52 -3.56
C ARG A 314 12.01 -10.70 -3.79
N ASP A 315 11.45 -11.83 -4.24
CA ASP A 315 12.31 -12.98 -4.54
C ASP A 315 13.29 -12.66 -5.67
N VAL A 316 12.77 -12.15 -6.81
CA VAL A 316 13.64 -12.02 -7.99
C VAL A 316 14.53 -10.78 -7.88
N PHE A 317 14.02 -9.65 -7.39
CA PHE A 317 14.87 -8.48 -7.26
C PHE A 317 15.64 -8.43 -5.95
N GLY A 318 15.12 -9.07 -4.90
CA GLY A 318 15.78 -8.97 -3.59
C GLY A 318 16.59 -10.19 -3.21
N LYS A 319 16.19 -11.37 -3.70
CA LYS A 319 16.86 -12.62 -3.33
C LYS A 319 17.55 -13.31 -4.50
N GLY A 320 17.70 -12.65 -5.65
CA GLY A 320 18.45 -13.27 -6.73
C GLY A 320 17.77 -14.40 -7.48
N TYR A 321 16.48 -14.63 -7.24
CA TYR A 321 15.77 -15.64 -8.02
C TYR A 321 15.62 -15.20 -9.47
N GLY A 322 15.32 -16.16 -10.35
CA GLY A 322 15.18 -15.87 -11.76
C GLY A 322 13.79 -15.37 -12.12
N PHE A 323 13.75 -14.59 -13.20
CA PHE A 323 12.52 -13.89 -13.61
C PHE A 323 11.35 -14.82 -13.85
N GLU A 324 11.59 -16.12 -14.09
CA GLU A 324 10.43 -16.97 -14.42
C GLU A 324 9.51 -17.08 -13.20
N ARG A 325 10.06 -17.02 -11.99
CA ARG A 325 9.20 -16.92 -10.80
C ARG A 325 8.28 -15.70 -10.87
N LEU A 326 8.78 -14.57 -11.37
CA LEU A 326 7.93 -13.38 -11.45
C LEU A 326 6.89 -13.53 -12.56
N ASN A 327 7.33 -13.95 -13.75
CA ASN A 327 6.38 -14.07 -14.85
C ASN A 327 5.35 -15.16 -14.57
N ASP A 328 5.78 -16.26 -13.93
CA ASP A 328 4.82 -17.29 -13.58
C ASP A 328 3.76 -16.74 -12.65
N THR A 329 4.19 -16.06 -11.58
CA THR A 329 3.26 -15.48 -10.63
C THR A 329 2.34 -14.46 -11.30
N LEU A 330 2.90 -13.59 -12.13
CA LEU A 330 2.06 -12.63 -12.85
C LEU A 330 1.02 -13.34 -13.70
N GLU A 331 1.44 -14.39 -14.42
CA GLU A 331 0.50 -15.13 -15.26
C GLU A 331 -0.60 -15.78 -14.42
N ASP A 332 -0.24 -16.40 -13.30
CA ASP A 332 -1.23 -17.04 -12.43
C ASP A 332 -2.24 -16.03 -11.90
N THR A 333 -1.76 -14.91 -11.34
CA THR A 333 -2.67 -13.93 -10.77
C THR A 333 -3.62 -13.38 -11.84
N ASN A 334 -3.11 -13.19 -13.06
CA ASN A 334 -3.97 -12.65 -14.13
C ASN A 334 -5.10 -13.60 -14.52
N LYS A 335 -4.97 -14.88 -14.18
CA LYS A 335 -6.08 -15.80 -14.36
C LYS A 335 -6.86 -16.03 -13.07
N ASP A 336 -6.18 -16.00 -11.92
CA ASP A 336 -6.84 -16.37 -10.67
C ASP A 336 -7.87 -15.32 -10.25
N TYR A 337 -7.56 -14.04 -10.41
CA TYR A 337 -8.48 -12.97 -10.06
C TYR A 337 -9.37 -12.62 -11.25
N GLU A 338 -10.63 -12.32 -10.96
CA GLU A 338 -11.57 -11.94 -12.02
C GLU A 338 -11.22 -10.60 -12.63
N ASN A 339 -10.78 -9.65 -11.82
CA ASN A 339 -10.43 -8.31 -12.30
C ASN A 339 -9.03 -7.96 -11.80
N PRO A 340 -8.00 -8.45 -12.48
CA PRO A 340 -6.63 -8.24 -11.97
C PRO A 340 -6.14 -6.82 -12.12
N TYR A 341 -6.81 -5.98 -12.92
CA TYR A 341 -6.48 -4.57 -13.09
C TYR A 341 -6.91 -3.72 -11.91
N LYS A 342 -7.60 -4.30 -10.93
CA LYS A 342 -7.88 -3.64 -9.67
C LYS A 342 -6.93 -4.07 -8.56
N LEU A 343 -6.03 -5.02 -8.82
CA LEU A 343 -5.04 -5.39 -7.83
C LEU A 343 -4.16 -4.19 -7.51
N VAL A 344 -3.67 -4.14 -6.27
CA VAL A 344 -2.88 -3.01 -5.78
C VAL A 344 -1.50 -3.55 -5.44
N THR A 345 -0.49 -3.15 -6.22
CA THR A 345 0.82 -3.77 -6.16
C THR A 345 1.78 -2.93 -5.32
N PHE A 346 2.80 -3.59 -4.77
CA PHE A 346 3.73 -2.94 -3.86
C PHE A 346 5.00 -3.77 -3.77
N ILE A 347 6.09 -3.11 -3.41
CA ILE A 347 7.36 -3.77 -3.18
C ILE A 347 7.61 -4.00 -1.69
N ASP A 348 7.17 -3.07 -0.85
CA ASP A 348 7.36 -3.22 0.59
C ASP A 348 6.24 -2.43 1.28
N ASN A 349 6.24 -2.45 2.60
CA ASN A 349 5.21 -1.74 3.35
C ASN A 349 5.65 -1.66 4.81
N HIS A 350 4.74 -1.20 5.66
CA HIS A 350 5.05 -0.99 7.07
C HIS A 350 5.10 -2.29 7.86
N ASP A 351 4.78 -3.44 7.25
CA ASP A 351 4.73 -4.71 7.98
C ASP A 351 5.79 -5.70 7.53
N MET A 352 6.75 -5.26 6.73
CA MET A 352 7.86 -6.11 6.30
C MET A 352 9.07 -5.21 6.11
N PRO A 353 10.28 -5.78 6.15
CA PRO A 353 11.47 -4.95 5.87
C PRO A 353 11.33 -4.22 4.53
N ARG A 354 11.79 -2.98 4.52
CA ARG A 354 11.84 -2.22 3.28
C ARG A 354 12.78 -2.94 2.30
N PHE A 355 12.52 -2.72 1.00
CA PHE A 355 13.29 -3.44 -0.02
C PHE A 355 14.80 -3.31 0.20
N LEU A 356 15.28 -2.11 0.58
CA LEU A 356 16.71 -1.92 0.72
C LEU A 356 17.27 -2.57 1.98
N SER A 357 16.44 -2.85 2.97
CA SER A 357 16.84 -3.73 4.05
C SER A 357 17.01 -5.16 3.55
N LEU A 358 16.08 -5.62 2.72
CA LEU A 358 16.16 -6.94 2.12
C LEU A 358 17.39 -7.08 1.22
N ASN A 359 17.68 -6.06 0.42
CA ASN A 359 18.82 -6.08 -0.49
C ASN A 359 19.18 -4.63 -0.79
N ASN A 360 20.32 -4.16 -0.28
CA ASN A 360 20.68 -2.76 -0.38
C ASN A 360 21.33 -2.49 -1.74
N ASP A 361 20.49 -2.57 -2.77
CA ASP A 361 20.92 -2.42 -4.17
C ASP A 361 19.95 -1.47 -4.86
N LYS A 362 20.37 -0.21 -5.04
CA LYS A 362 19.49 0.77 -5.67
C LYS A 362 19.10 0.39 -7.09
N ASP A 363 20.01 -0.25 -7.85
CA ASP A 363 19.67 -0.68 -9.19
C ASP A 363 18.51 -1.66 -9.18
N LYS A 364 18.54 -2.59 -8.22
CA LYS A 364 17.45 -3.55 -8.11
C LYS A 364 16.16 -2.87 -7.68
N LEU A 365 16.27 -1.86 -6.81
CA LEU A 365 15.08 -1.12 -6.40
C LEU A 365 14.47 -0.39 -7.59
N HIS A 366 15.30 0.31 -8.37
CA HIS A 366 14.83 1.00 -9.56
C HIS A 366 14.11 0.04 -10.52
N GLU A 367 14.66 -1.17 -10.70
CA GLU A 367 14.05 -2.14 -11.60
C GLU A 367 12.72 -2.63 -11.07
N ALA A 368 12.64 -2.90 -9.77
CA ALA A 368 11.35 -3.26 -9.15
C ALA A 368 10.32 -2.13 -9.29
N ILE A 369 10.74 -0.89 -9.06
CA ILE A 369 9.82 0.23 -9.23
C ILE A 369 9.33 0.29 -10.67
N ALA A 370 10.26 0.18 -11.61
CA ALA A 370 9.89 0.20 -13.02
C ALA A 370 8.92 -0.92 -13.33
N PHE A 371 9.10 -2.08 -12.71
CA PHE A 371 8.21 -3.20 -12.94
C PHE A 371 6.77 -2.90 -12.51
N ILE A 372 6.58 -2.55 -11.22
CA ILE A 372 5.20 -2.35 -10.78
C ILE A 372 4.56 -1.18 -11.53
N MET A 373 5.35 -0.16 -11.91
CA MET A 373 4.80 0.96 -12.67
C MET A 373 4.27 0.52 -14.03
N THR A 374 4.86 -0.51 -14.63
CA THR A 374 4.49 -0.97 -15.96
C THR A 374 3.74 -2.30 -15.92
N THR A 375 3.22 -2.69 -14.78
CA THR A 375 2.43 -3.91 -14.62
C THR A 375 0.98 -3.55 -14.31
N ARG A 376 0.08 -4.49 -14.59
CA ARG A 376 -1.35 -4.22 -14.44
C ARG A 376 -1.71 -3.92 -12.98
N GLY A 377 -2.79 -3.19 -12.81
CA GLY A 377 -3.23 -2.81 -11.48
C GLY A 377 -2.72 -1.45 -11.08
N ILE A 378 -2.72 -1.20 -9.77
CA ILE A 378 -2.39 0.11 -9.22
C ILE A 378 -1.16 -0.02 -8.32
N PRO A 379 -0.05 0.64 -8.63
CA PRO A 379 1.16 0.51 -7.82
C PRO A 379 1.18 1.45 -6.63
N VAL A 380 1.78 0.97 -5.55
CA VAL A 380 2.00 1.76 -4.33
C VAL A 380 3.48 2.01 -4.16
N ILE A 381 3.85 3.24 -3.81
CA ILE A 381 5.17 3.59 -3.30
C ILE A 381 5.06 3.87 -1.81
N TYR A 382 5.71 3.05 -0.98
CA TYR A 382 5.77 3.33 0.45
C TYR A 382 6.64 4.56 0.70
N TYR A 383 6.20 5.47 1.58
CA TYR A 383 6.86 6.77 1.73
C TYR A 383 8.36 6.62 1.97
N GLY A 384 9.17 7.43 1.27
CA GLY A 384 10.61 7.44 1.47
C GLY A 384 11.39 6.50 0.59
N THR A 385 10.71 5.57 -0.09
CA THR A 385 11.34 4.71 -1.08
C THR A 385 12.16 5.52 -2.07
N GLU A 386 11.57 6.63 -2.55
CA GLU A 386 12.21 7.53 -3.50
C GLU A 386 13.40 8.27 -2.90
N GLN A 387 13.58 8.24 -1.58
CA GLN A 387 14.74 8.81 -0.93
C GLN A 387 15.70 7.75 -0.40
N TYR A 388 15.50 6.48 -0.77
CA TYR A 388 16.34 5.38 -0.31
C TYR A 388 16.40 5.31 1.21
N LEU A 389 15.27 5.62 1.85
CA LEU A 389 15.15 5.61 3.31
C LEU A 389 15.06 4.17 3.82
N HIS A 390 15.96 3.79 4.73
CA HIS A 390 15.81 2.50 5.40
C HIS A 390 16.65 2.46 6.65
N ASN A 391 16.21 1.64 7.61
CA ASN A 391 16.94 1.33 8.83
C ASN A 391 16.95 -0.19 8.95
N ASP A 392 18.14 -0.77 9.10
CA ASP A 392 18.32 -2.20 9.02
C ASP A 392 18.41 -2.88 10.39
N THR A 393 18.14 -2.15 11.47
CA THR A 393 18.10 -2.80 12.77
C THR A 393 17.02 -3.88 12.78
N ASN A 394 17.34 -5.01 13.40
CA ASN A 394 16.44 -6.17 13.52
C ASN A 394 15.95 -6.64 12.16
N GLY A 395 16.85 -6.62 11.18
CA GLY A 395 16.45 -7.02 9.84
C GLY A 395 15.61 -5.99 9.09
N GLY A 396 15.46 -4.78 9.65
CA GLY A 396 14.59 -3.78 9.08
C GLY A 396 13.14 -3.98 9.39
N ASN A 397 12.82 -4.85 10.36
CA ASN A 397 11.44 -5.16 10.69
C ASN A 397 10.87 -4.07 11.61
N ASP A 398 9.53 -3.94 11.58
CA ASP A 398 8.73 -3.11 12.47
C ASP A 398 9.38 -3.09 13.84
N PRO A 399 9.65 -1.91 14.44
CA PRO A 399 9.31 -0.56 13.99
C PRO A 399 10.29 0.09 13.01
N TYR A 400 11.39 -0.60 12.70
CA TYR A 400 12.48 0.04 11.98
C TYR A 400 12.17 0.29 10.50
N ASN A 401 11.12 -0.33 9.97
CA ASN A 401 10.63 -0.03 8.64
C ASN A 401 9.71 1.21 8.61
N ARG A 402 9.58 1.91 9.73
CA ARG A 402 8.84 3.17 9.81
C ARG A 402 9.76 4.30 10.22
N PRO A 403 10.89 4.51 9.55
CA PRO A 403 11.78 5.59 9.96
C PRO A 403 11.17 6.94 9.63
N MET A 404 11.69 7.99 10.27
CA MET A 404 11.24 9.34 9.95
C MET A 404 11.77 9.75 8.59
N MET A 405 10.93 10.41 7.80
CA MET A 405 11.39 11.00 6.56
C MET A 405 12.51 12.02 6.86
N GLU A 406 13.55 12.04 6.00
CA GLU A 406 14.71 12.89 6.24
C GLU A 406 14.72 14.00 5.21
N LYS A 407 15.32 13.81 4.05
CA LYS A 407 15.35 14.79 2.98
C LYS A 407 14.12 14.63 2.08
N PHE A 408 13.68 15.75 1.48
CA PHE A 408 12.65 15.71 0.46
C PHE A 408 13.20 16.12 -0.90
N ASP A 409 14.24 15.41 -1.34
CA ASP A 409 15.04 15.77 -2.51
C ASP A 409 14.34 15.32 -3.78
N GLU A 410 13.83 16.27 -4.54
CA GLU A 410 13.05 15.96 -5.73
C GLU A 410 13.90 15.64 -6.95
N SER A 411 15.21 15.48 -6.77
N SER A 411 15.21 15.48 -6.77
CA SER A 411 16.13 15.20 -7.87
CA SER A 411 16.13 15.19 -7.87
C SER A 411 16.85 13.85 -7.73
C SER A 411 16.76 13.81 -7.80
N THR A 412 16.41 12.99 -6.81
CA THR A 412 17.00 11.65 -6.78
C THR A 412 16.57 10.89 -8.02
N LYS A 413 17.40 9.94 -8.43
CA LYS A 413 17.05 9.12 -9.57
C LYS A 413 15.74 8.38 -9.35
N ALA A 414 15.50 7.89 -8.13
CA ALA A 414 14.25 7.19 -7.86
C ALA A 414 13.06 8.15 -7.94
N TYR A 415 13.18 9.35 -7.37
CA TYR A 415 12.14 10.36 -7.53
C TYR A 415 11.87 10.61 -9.00
N THR A 416 12.94 10.77 -9.80
CA THR A 416 12.75 11.01 -11.22
C THR A 416 12.08 9.84 -11.90
N LEU A 417 12.52 8.63 -11.56
CA LEU A 417 11.89 7.43 -12.12
C LEU A 417 10.40 7.37 -11.78
N ILE A 418 10.05 7.60 -10.50
CA ILE A 418 8.65 7.49 -10.11
C ILE A 418 7.82 8.59 -10.76
N LYS A 419 8.44 9.73 -11.04
CA LYS A 419 7.71 10.82 -11.68
C LYS A 419 7.40 10.51 -13.14
N GLU A 420 8.31 9.81 -13.85
CA GLU A 420 8.15 9.71 -15.30
C GLU A 420 7.18 8.61 -15.70
N LEU A 421 7.22 7.45 -15.04
CA LEU A 421 6.40 6.34 -15.49
C LEU A 421 4.92 6.61 -15.28
N SER A 422 4.57 7.40 -14.26
CA SER A 422 3.17 7.78 -14.09
C SER A 422 2.66 8.60 -15.27
N ARG A 423 3.55 9.38 -15.89
CA ARG A 423 3.14 10.16 -17.06
C ARG A 423 2.66 9.24 -18.17
N LEU A 424 3.33 8.11 -18.35
CA LEU A 424 2.91 7.16 -19.37
C LEU A 424 1.60 6.48 -18.99
N ARG A 425 1.41 6.17 -17.70
CA ARG A 425 0.12 5.62 -17.27
C ARG A 425 -1.03 6.56 -17.61
N GLN A 426 -0.79 7.87 -17.58
CA GLN A 426 -1.83 8.83 -17.96
C GLN A 426 -2.00 8.94 -19.46
N LEU A 427 -0.96 8.65 -20.25
CA LEU A 427 -1.08 8.68 -21.70
C LEU A 427 -1.72 7.42 -22.28
N THR A 428 -1.64 6.29 -21.59
CA THR A 428 -2.23 5.07 -22.13
C THR A 428 -2.77 4.16 -21.03
N PRO A 429 -3.95 3.56 -21.25
CA PRO A 429 -4.45 2.57 -20.28
C PRO A 429 -3.74 1.23 -20.36
N ALA A 430 -2.82 1.04 -21.32
CA ALA A 430 -2.16 -0.25 -21.46
C ALA A 430 -1.41 -0.66 -20.20
N LEU A 431 -0.93 0.31 -19.42
CA LEU A 431 -0.16 -0.03 -18.23
C LEU A 431 -1.05 -0.60 -17.12
N GLN A 432 -2.11 0.13 -16.73
CA GLN A 432 -2.95 -0.41 -15.67
C GLN A 432 -3.91 -1.49 -16.19
N TYR A 433 -4.45 -1.30 -17.40
CA TYR A 433 -5.56 -2.11 -17.89
C TYR A 433 -5.19 -3.03 -19.05
N GLY A 434 -3.96 -2.97 -19.56
CA GLY A 434 -3.62 -3.75 -20.73
C GLY A 434 -3.39 -5.22 -20.45
N THR A 435 -3.55 -6.03 -21.50
CA THR A 435 -3.11 -7.42 -21.46
C THR A 435 -1.61 -7.48 -21.23
N THR A 436 -1.14 -8.68 -20.91
CA THR A 436 0.27 -8.91 -20.61
C THR A 436 0.76 -10.09 -21.42
N THR A 437 1.81 -9.87 -22.20
CA THR A 437 2.40 -10.91 -23.03
C THR A 437 3.89 -10.95 -22.74
N ALA A 438 4.37 -12.07 -22.22
CA ALA A 438 5.80 -12.24 -22.02
C ALA A 438 6.47 -12.51 -23.36
N ARG A 439 7.47 -11.70 -23.70
CA ARG A 439 8.19 -11.90 -24.94
C ARG A 439 9.52 -12.63 -24.76
N TYR A 440 10.17 -12.50 -23.60
CA TYR A 440 11.43 -13.17 -23.32
C TYR A 440 11.59 -13.30 -21.81
N VAL A 441 11.93 -14.50 -21.35
CA VAL A 441 12.10 -14.78 -19.92
C VAL A 441 13.33 -15.66 -19.74
N SER A 442 14.36 -15.10 -19.11
CA SER A 442 15.51 -15.85 -18.63
C SER A 442 15.74 -15.49 -17.17
N ASP A 443 16.78 -16.08 -16.56
CA ASP A 443 17.04 -15.83 -15.12
C ASP A 443 17.17 -14.32 -14.87
N ASP A 444 17.85 -13.56 -15.74
CA ASP A 444 18.13 -12.16 -15.46
C ASP A 444 17.54 -11.17 -16.48
N VAL A 445 16.79 -11.64 -17.47
CA VAL A 445 16.22 -10.76 -18.49
C VAL A 445 14.73 -11.06 -18.61
N TYR A 446 13.93 -10.00 -18.57
CA TYR A 446 12.47 -10.09 -18.68
C TYR A 446 12.03 -9.05 -19.70
N ILE A 447 11.39 -9.50 -20.78
CA ILE A 447 10.78 -8.62 -21.77
C ILE A 447 9.30 -8.96 -21.87
N TYR A 448 8.44 -7.98 -21.58
CA TYR A 448 7.01 -8.18 -21.60
C TYR A 448 6.34 -7.00 -22.28
N GLU A 449 5.16 -7.27 -22.83
CA GLU A 449 4.45 -6.35 -23.70
C GLU A 449 3.06 -6.10 -23.12
N ARG A 450 2.66 -4.84 -23.08
CA ARG A 450 1.36 -4.41 -22.57
C ARG A 450 0.57 -3.82 -23.72
N GLN A 451 -0.68 -4.26 -23.88
CA GLN A 451 -1.48 -3.80 -25.00
C GLN A 451 -2.89 -3.43 -24.56
N TYR A 452 -3.36 -2.30 -25.07
CA TYR A 452 -4.74 -1.83 -24.86
C TYR A 452 -5.22 -1.24 -26.19
N GLY A 453 -6.09 -1.97 -26.88
CA GLY A 453 -6.48 -1.51 -28.21
C GLY A 453 -5.26 -1.57 -29.11
N LYS A 454 -4.94 -0.44 -29.72
CA LYS A 454 -3.74 -0.33 -30.55
C LYS A 454 -2.53 0.23 -29.79
N ASP A 455 -2.71 0.61 -28.52
CA ASP A 455 -1.60 1.03 -27.69
C ASP A 455 -0.72 -0.17 -27.32
N VAL A 456 0.59 0.00 -27.44
CA VAL A 456 1.58 -1.04 -27.09
C VAL A 456 2.68 -0.39 -26.28
N VAL A 457 3.05 -1.01 -25.16
CA VAL A 457 4.24 -0.66 -24.39
C VAL A 457 5.06 -1.93 -24.23
N LEU A 458 6.33 -1.88 -24.64
CA LEU A 458 7.25 -2.99 -24.49
C LEU A 458 8.32 -2.59 -23.47
N VAL A 459 8.61 -3.48 -22.53
CA VAL A 459 9.53 -3.18 -21.44
C VAL A 459 10.57 -4.29 -21.36
N ALA A 460 11.83 -3.92 -21.19
CA ALA A 460 12.91 -4.90 -21.05
C ALA A 460 13.71 -4.58 -19.80
N ILE A 461 13.80 -5.54 -18.88
CA ILE A 461 14.56 -5.38 -17.65
C ILE A 461 15.73 -6.35 -17.69
N ASN A 462 16.94 -5.84 -17.48
CA ASN A 462 18.12 -6.69 -17.33
C ASN A 462 18.65 -6.49 -15.92
N LYS A 463 18.41 -7.48 -15.05
CA LYS A 463 18.94 -7.43 -13.69
C LYS A 463 20.24 -8.20 -13.56
N GLY A 464 20.78 -8.71 -14.68
CA GLY A 464 22.09 -9.28 -14.73
C GLY A 464 23.10 -8.35 -15.38
N GLU A 465 24.16 -8.96 -15.92
CA GLU A 465 25.19 -8.22 -16.63
C GLU A 465 24.77 -7.99 -18.07
N LYS A 466 25.51 -7.09 -18.75
CA LYS A 466 25.22 -6.76 -20.15
C LYS A 466 25.10 -8.01 -21.00
N THR A 467 24.07 -8.05 -21.85
CA THR A 467 23.84 -9.20 -22.72
C THR A 467 23.05 -8.77 -23.96
N THR A 468 23.13 -9.59 -25.00
CA THR A 468 22.45 -9.34 -26.27
C THR A 468 21.45 -10.47 -26.53
N VAL A 469 20.18 -10.10 -26.80
CA VAL A 469 19.08 -11.06 -26.90
C VAL A 469 18.91 -11.57 -28.33
N LYS A 470 18.48 -12.84 -28.44
CA LYS A 470 18.23 -13.60 -29.70
C LYS A 470 17.23 -12.88 -30.62
N THR A 471 16.02 -13.37 -30.76
CA THR A 471 15.06 -12.65 -31.58
C THR A 471 13.74 -12.71 -30.85
N VAL A 472 13.19 -11.54 -30.60
CA VAL A 472 12.01 -11.34 -29.78
C VAL A 472 10.86 -10.93 -30.69
N LYS A 473 9.67 -11.45 -30.41
CA LYS A 473 8.51 -10.97 -31.12
C LYS A 473 7.97 -9.71 -30.46
N THR A 474 7.21 -8.94 -31.23
CA THR A 474 6.55 -7.75 -30.71
C THR A 474 5.45 -7.36 -31.68
N SER A 475 4.42 -6.69 -31.17
CA SER A 475 3.39 -6.15 -32.03
C SER A 475 3.66 -4.68 -32.37
N LEU A 476 4.74 -4.11 -31.86
CA LEU A 476 5.14 -2.78 -32.28
C LEU A 476 5.41 -2.77 -33.78
N ARG A 477 5.02 -1.69 -34.44
CA ARG A 477 5.29 -1.61 -35.88
C ARG A 477 6.80 -1.56 -36.10
N LYS A 478 7.24 -1.91 -37.32
CA LYS A 478 8.67 -1.83 -37.63
C LYS A 478 9.19 -0.40 -37.48
N GLY A 479 10.48 -0.29 -37.19
CA GLY A 479 11.12 1.01 -37.04
C GLY A 479 12.03 1.01 -35.83
N ILE A 480 12.50 2.20 -35.45
CA ILE A 480 13.38 2.38 -34.31
C ILE A 480 12.62 3.14 -33.24
N TYR A 481 12.65 2.63 -32.01
CA TYR A 481 11.99 3.27 -30.87
C TYR A 481 13.03 3.77 -29.88
N LYS A 482 12.89 5.01 -29.44
CA LYS A 482 13.73 5.56 -28.40
C LYS A 482 13.21 5.12 -27.02
N ASP A 483 14.13 4.93 -26.08
CA ASP A 483 13.76 4.61 -24.70
C ASP A 483 12.90 5.73 -24.12
N TYR A 484 11.69 5.37 -23.66
CA TYR A 484 10.80 6.36 -23.05
C TYR A 484 11.44 7.00 -21.83
N LEU A 485 12.29 6.24 -21.12
CA LEU A 485 12.96 6.77 -19.92
C LEU A 485 14.21 7.58 -20.23
N LYS A 486 14.59 7.73 -21.51
CA LYS A 486 15.70 8.60 -21.91
C LYS A 486 17.01 8.17 -21.24
N GLY A 487 17.22 6.85 -21.12
CA GLY A 487 18.42 6.30 -20.53
C GLY A 487 18.59 6.51 -19.04
N LEU A 488 17.54 6.91 -18.32
CA LEU A 488 17.68 7.16 -16.89
C LEU A 488 18.20 5.93 -16.18
N LEU A 489 17.71 4.75 -16.57
CA LEU A 489 18.12 3.45 -16.06
C LEU A 489 18.92 2.70 -17.11
N LYS A 490 19.81 3.42 -17.81
CA LYS A 490 20.69 2.85 -18.84
C LYS A 490 19.92 2.21 -20.00
N GLY A 491 18.71 2.67 -20.28
CA GLY A 491 17.93 2.08 -21.35
C GLY A 491 18.48 2.43 -22.73
N VAL A 492 18.16 1.57 -23.69
CA VAL A 492 18.65 1.65 -25.07
C VAL A 492 17.49 1.82 -26.04
N GLU A 493 17.82 1.96 -27.34
CA GLU A 493 16.83 2.02 -28.41
C GLU A 493 16.34 0.62 -28.75
N LEU A 494 15.16 0.57 -29.38
CA LEU A 494 14.60 -0.66 -29.94
C LEU A 494 14.55 -0.57 -31.46
N LYS A 495 14.80 -1.69 -32.12
CA LYS A 495 14.94 -1.78 -33.58
C LYS A 495 14.09 -2.97 -34.01
N VAL A 496 12.98 -2.68 -34.68
CA VAL A 496 11.96 -3.66 -34.99
C VAL A 496 11.96 -3.82 -36.51
N THR A 497 12.10 -5.05 -36.98
CA THR A 497 11.95 -5.32 -38.40
C THR A 497 10.58 -5.93 -38.66
N LYS A 498 10.12 -5.79 -39.89
CA LYS A 498 8.78 -6.26 -40.24
C LYS A 498 8.83 -7.75 -40.48
N GLY A 499 8.10 -8.51 -39.66
CA GLY A 499 8.11 -9.95 -39.77
C GLY A 499 7.04 -10.55 -40.65
N ASN A 500 6.01 -9.78 -41.00
CA ASN A 500 4.79 -10.28 -41.60
C ASN A 500 4.10 -11.24 -40.64
N GLY A 501 3.03 -10.78 -39.99
CA GLY A 501 2.56 -11.37 -38.76
C GLY A 501 3.07 -10.57 -37.56
N GLU A 502 3.66 -11.25 -36.60
CA GLU A 502 4.33 -10.55 -35.51
C GLU A 502 5.67 -10.02 -35.99
N ASN A 503 6.04 -8.82 -35.53
CA ASN A 503 7.30 -8.22 -35.94
C ASN A 503 8.45 -8.73 -35.07
N LEU A 504 9.68 -8.37 -35.46
CA LEU A 504 10.89 -8.98 -34.92
C LEU A 504 11.81 -7.92 -34.31
N VAL A 505 12.10 -8.06 -33.01
CA VAL A 505 13.14 -7.26 -32.38
C VAL A 505 14.49 -7.89 -32.70
N GLN A 506 15.43 -7.10 -33.21
CA GLN A 506 16.74 -7.60 -33.60
C GLN A 506 17.86 -6.87 -32.85
N ASP A 507 18.87 -7.65 -32.41
CA ASP A 507 20.12 -7.10 -31.86
C ASP A 507 19.87 -6.19 -30.67
N LEU A 508 19.09 -6.68 -29.71
CA LEU A 508 18.79 -5.90 -28.52
C LEU A 508 19.88 -6.17 -27.49
N THR A 509 20.79 -5.21 -27.31
CA THR A 509 21.84 -5.32 -26.30
C THR A 509 21.41 -4.52 -25.07
N LEU A 510 21.03 -5.24 -24.01
CA LEU A 510 20.63 -4.61 -22.76
C LEU A 510 21.85 -4.43 -21.88
N PRO A 511 22.23 -3.22 -21.54
CA PRO A 511 23.31 -3.04 -20.55
C PRO A 511 22.94 -3.72 -19.23
N GLY A 512 23.94 -3.86 -18.37
CA GLY A 512 23.70 -4.47 -17.08
C GLY A 512 22.90 -3.55 -16.18
N ASN A 513 21.95 -4.15 -15.45
CA ASN A 513 21.15 -3.44 -14.47
C ASN A 513 20.48 -2.22 -15.11
N SER A 514 19.70 -2.52 -16.15
CA SER A 514 19.07 -1.50 -16.97
C SER A 514 17.59 -1.80 -17.16
N VAL A 515 16.83 -0.75 -17.45
CA VAL A 515 15.43 -0.86 -17.86
C VAL A 515 15.24 0.01 -19.09
N SER A 516 14.62 -0.56 -20.11
CA SER A 516 14.19 0.17 -21.29
C SER A 516 12.68 0.05 -21.44
N VAL A 517 12.05 1.13 -21.91
CA VAL A 517 10.62 1.18 -22.12
C VAL A 517 10.38 1.80 -23.49
N TRP A 518 9.67 1.07 -24.36
CA TRP A 518 9.38 1.53 -25.71
C TRP A 518 7.88 1.53 -25.96
N THR A 519 7.40 2.54 -26.67
CA THR A 519 5.97 2.57 -26.95
C THR A 519 5.68 3.29 -28.26
N ASN A 520 4.55 2.93 -28.85
CA ASN A 520 3.95 3.63 -29.97
C ASN A 520 2.97 4.72 -29.54
N VAL A 521 2.68 4.82 -28.24
CA VAL A 521 1.84 5.90 -27.74
C VAL A 521 2.57 7.22 -27.94
N ARG A 522 1.88 8.22 -28.46
CA ARG A 522 2.53 9.49 -28.77
C ARG A 522 2.69 10.32 -27.50
N VAL A 523 3.88 10.91 -27.35
CA VAL A 523 4.31 11.46 -26.08
C VAL A 523 4.41 13.00 -26.12
#